data_5E9Q
#
_entry.id   5E9Q
#
_cell.length_a   60.950
_cell.length_b   183.470
_cell.length_c   51.280
_cell.angle_alpha   90.000
_cell.angle_beta   90.000
_cell.angle_gamma   90.000
#
_symmetry.space_group_name_H-M   'P 21 21 2'
#
loop_
_entity.id
_entity.type
_entity.pdbx_description
1 polymer 'Genome polyprotein'
2 non-polymer S-ADENOSYLMETHIONINE
3 non-polymer '2-({[2-amino-4-(trifluoromethyl)phenyl]carbamoyl}amino)-4-methylbenzoic acid'
4 water water
#
_entity_poly.entity_id   1
_entity_poly.type   'polypeptide(L)'
_entity_poly.pdbx_seq_one_letter_code
;ETLGEKWKKKLNQLSRKEFDLYKKSGITEVDRTEAKEGLKRGETTHHAVSRGSAKLQWFVERNMVIPEGRVIDLGCGRGG
WSYYCAGLKKVTEVRGYTKGGPGHEEPVPMSTYGWNIVKLMSGKDVFYLPPEKCDTLLCDIGESSPSPTVEESRTIRVLK
MVEPWLKNNQFCIKVLNPYMPTVIEHLERLQRKHGGMLVRNPLSRNSTHEMYWISNGTGNIVSSVNMVSRLLLNRFTMTH
RRPTIEKDVDLGAGTR
;
_entity_poly.pdbx_strand_id   A,C
#
# COMPACT_ATOMS: atom_id res chain seq x y z
N GLU A 1 -20.22 25.23 2.72
CA GLU A 1 -20.43 23.87 3.20
C GLU A 1 -21.31 23.07 2.24
N THR A 2 -20.87 21.83 1.92
CA THR A 2 -21.55 20.95 0.97
C THR A 2 -22.92 20.45 1.45
N LEU A 3 -23.78 20.05 0.46
CA LEU A 3 -25.09 19.44 0.74
C LEU A 3 -24.84 18.13 1.52
N GLY A 4 -23.76 17.43 1.19
CA GLY A 4 -23.36 16.20 1.88
C GLY A 4 -23.09 16.44 3.35
N GLU A 5 -22.42 17.54 3.68
CA GLU A 5 -22.16 17.89 5.09
C GLU A 5 -23.46 18.18 5.85
N LYS A 6 -24.44 18.84 5.19
N LYS A 6 -24.44 18.82 5.17
CA LYS A 6 -25.75 19.15 5.79
CA LYS A 6 -25.75 19.15 5.76
C LYS A 6 -26.51 17.84 6.04
C LYS A 6 -26.51 17.84 6.03
N TRP A 7 -26.39 16.89 5.10
CA TRP A 7 -27.01 15.55 5.23
C TRP A 7 -26.38 14.82 6.46
N LYS A 8 -25.04 14.85 6.57
CA LYS A 8 -24.33 14.18 7.67
C LYS A 8 -24.70 14.78 9.03
N LYS A 9 -24.76 16.10 9.09
CA LYS A 9 -25.16 16.83 10.28
C LYS A 9 -26.58 16.41 10.70
N LYS A 10 -27.52 16.34 9.74
CA LYS A 10 -28.89 15.92 10.06
C LYS A 10 -28.90 14.45 10.48
N LEU A 11 -28.15 13.58 9.76
CA LEU A 11 -28.13 12.16 10.12
C LEU A 11 -27.68 11.95 11.57
N ASN A 12 -26.61 12.69 11.99
CA ASN A 12 -26.03 12.63 13.34
C ASN A 12 -26.96 13.16 14.42
N GLN A 13 -27.99 13.96 14.06
CA GLN A 13 -28.96 14.50 15.05
C GLN A 13 -30.09 13.50 15.33
N LEU A 14 -30.28 12.52 14.43
CA LEU A 14 -31.36 11.52 14.57
C LEU A 14 -31.20 10.63 15.82
N SER A 15 -32.32 10.29 16.43
CA SER A 15 -32.35 9.34 17.54
C SER A 15 -32.18 7.92 16.94
N ARG A 16 -31.87 6.91 17.76
CA ARG A 16 -31.76 5.57 17.16
C ARG A 16 -33.05 5.17 16.43
N LYS A 17 -34.22 5.44 17.04
CA LYS A 17 -35.54 5.14 16.43
C LYS A 17 -35.67 5.77 15.01
N GLU A 18 -35.43 7.09 14.94
CA GLU A 18 -35.44 7.88 13.71
C GLU A 18 -34.45 7.34 12.69
N PHE A 19 -33.22 7.04 13.12
CA PHE A 19 -32.17 6.51 12.25
C PHE A 19 -32.62 5.20 11.61
N ASP A 20 -33.15 4.29 12.44
CA ASP A 20 -33.56 2.96 11.94
C ASP A 20 -34.71 3.09 10.90
N LEU A 21 -35.62 4.04 11.08
CA LEU A 21 -36.68 4.25 10.09
C LEU A 21 -36.11 4.99 8.86
N TYR A 22 -35.18 5.94 9.06
CA TYR A 22 -34.60 6.67 7.93
C TYR A 22 -33.72 5.80 7.01
N LYS A 23 -32.85 4.99 7.60
CA LYS A 23 -31.83 4.27 6.84
C LYS A 23 -32.37 3.39 5.69
N LYS A 24 -33.61 2.86 5.79
CA LYS A 24 -34.15 2.05 4.69
C LYS A 24 -35.29 2.72 3.95
N SER A 25 -35.61 3.99 4.28
CA SER A 25 -36.76 4.69 3.66
C SER A 25 -36.57 4.86 2.14
N GLY A 26 -37.46 4.24 1.35
CA GLY A 26 -37.44 4.32 -0.10
C GLY A 26 -36.27 3.62 -0.81
N ILE A 27 -35.46 2.85 -0.08
CA ILE A 27 -34.33 2.20 -0.77
C ILE A 27 -34.80 0.90 -1.41
N THR A 28 -33.90 0.21 -2.10
CA THR A 28 -34.22 -1.11 -2.58
C THR A 28 -33.44 -2.11 -1.73
N GLU A 29 -34.04 -3.28 -1.48
CA GLU A 29 -33.27 -4.34 -0.85
C GLU A 29 -33.71 -5.71 -1.30
N VAL A 30 -32.81 -6.67 -1.23
CA VAL A 30 -33.12 -8.07 -1.52
C VAL A 30 -33.62 -8.71 -0.25
N ASP A 31 -34.54 -9.67 -0.38
CA ASP A 31 -35.09 -10.42 0.71
C ASP A 31 -34.07 -11.53 1.03
N ARG A 32 -33.32 -11.36 2.15
CA ARG A 32 -32.28 -12.30 2.58
C ARG A 32 -32.79 -13.45 3.43
N THR A 33 -34.11 -13.55 3.66
CA THR A 33 -34.69 -14.57 4.53
C THR A 33 -34.20 -15.99 4.25
N GLU A 34 -34.40 -16.47 3.01
CA GLU A 34 -33.99 -17.84 2.58
C GLU A 34 -32.48 -18.04 2.70
N ALA A 35 -31.68 -17.03 2.28
CA ALA A 35 -30.21 -17.16 2.36
C ALA A 35 -29.75 -17.24 3.82
N LYS A 36 -30.26 -16.36 4.71
CA LYS A 36 -29.89 -16.37 6.14
C LYS A 36 -30.23 -17.71 6.79
N GLU A 37 -31.42 -18.22 6.50
CA GLU A 37 -31.88 -19.52 7.02
C GLU A 37 -30.97 -20.67 6.55
N GLY A 38 -30.64 -20.69 5.25
CA GLY A 38 -29.78 -21.72 4.67
C GLY A 38 -28.37 -21.66 5.21
N LEU A 39 -27.82 -20.41 5.32
CA LEU A 39 -26.47 -20.19 5.85
C LEU A 39 -26.35 -20.63 7.31
N LYS A 40 -27.40 -20.38 8.12
CA LYS A 40 -27.45 -20.76 9.53
C LYS A 40 -27.39 -22.28 9.66
N ARG A 41 -27.93 -23.02 8.67
CA ARG A 41 -27.94 -24.48 8.63
C ARG A 41 -26.64 -25.05 8.04
N GLY A 42 -25.74 -24.18 7.61
CA GLY A 42 -24.49 -24.59 6.99
C GLY A 42 -24.61 -25.05 5.56
N GLU A 43 -25.66 -24.62 4.83
CA GLU A 43 -25.85 -24.97 3.42
C GLU A 43 -24.82 -24.19 2.62
N THR A 44 -24.17 -24.85 1.65
CA THR A 44 -23.08 -24.25 0.87
C THR A 44 -23.40 -23.99 -0.59
N THR A 45 -24.62 -24.31 -1.03
CA THR A 45 -24.99 -24.06 -2.44
C THR A 45 -26.09 -23.02 -2.51
N HIS A 46 -26.19 -22.35 -3.67
CA HIS A 46 -27.19 -21.34 -4.05
C HIS A 46 -27.07 -20.02 -3.34
N HIS A 47 -27.01 -20.05 -2.01
CA HIS A 47 -27.03 -18.83 -1.20
C HIS A 47 -25.86 -17.89 -1.40
N ALA A 48 -26.14 -16.57 -1.49
CA ALA A 48 -25.11 -15.54 -1.45
C ALA A 48 -24.76 -15.41 0.04
N VAL A 49 -23.48 -15.23 0.36
CA VAL A 49 -23.01 -15.12 1.76
C VAL A 49 -23.37 -13.78 2.44
N SER A 50 -23.72 -12.77 1.64
CA SER A 50 -24.08 -11.42 2.12
C SER A 50 -24.97 -10.73 1.08
N ARG A 51 -25.39 -9.48 1.39
CA ARG A 51 -26.16 -8.65 0.44
C ARG A 51 -25.26 -8.18 -0.66
N GLY A 52 -23.94 -8.31 -0.47
CA GLY A 52 -22.93 -7.88 -1.41
C GLY A 52 -23.06 -8.47 -2.80
N SER A 53 -23.44 -9.76 -2.91
CA SER A 53 -23.60 -10.38 -4.24
C SER A 53 -24.62 -9.64 -5.10
N ALA A 54 -25.79 -9.34 -4.53
CA ALA A 54 -26.86 -8.61 -5.23
C ALA A 54 -26.41 -7.17 -5.51
N LYS A 55 -25.65 -6.56 -4.58
CA LYS A 55 -25.15 -5.19 -4.75
C LYS A 55 -24.22 -5.07 -5.97
N LEU A 56 -23.23 -5.98 -6.08
CA LEU A 56 -22.36 -5.96 -7.26
C LEU A 56 -23.12 -6.35 -8.54
N GLN A 57 -23.99 -7.38 -8.45
CA GLN A 57 -24.82 -7.85 -9.58
C GLN A 57 -25.59 -6.65 -10.20
N TRP A 58 -26.07 -5.72 -9.36
CA TRP A 58 -26.78 -4.55 -9.86
C TRP A 58 -25.92 -3.78 -10.87
N PHE A 59 -24.63 -3.51 -10.56
CA PHE A 59 -23.76 -2.81 -11.51
C PHE A 59 -23.44 -3.68 -12.73
N VAL A 60 -23.15 -4.98 -12.51
CA VAL A 60 -22.75 -5.88 -13.59
C VAL A 60 -23.83 -6.03 -14.64
N GLU A 61 -25.08 -6.22 -14.18
CA GLU A 61 -26.24 -6.42 -15.05
C GLU A 61 -26.59 -5.18 -15.87
N ARG A 62 -26.02 -4.03 -15.48
CA ARG A 62 -26.14 -2.75 -16.16
C ARG A 62 -24.87 -2.39 -16.98
N ASN A 63 -23.92 -3.34 -17.10
CA ASN A 63 -22.66 -3.20 -17.84
C ASN A 63 -21.75 -2.07 -17.31
N MET A 64 -21.93 -1.65 -16.05
CA MET A 64 -21.14 -0.58 -15.43
C MET A 64 -19.70 -1.03 -15.14
N VAL A 65 -19.56 -2.32 -14.83
CA VAL A 65 -18.31 -3.05 -14.65
C VAL A 65 -18.62 -4.42 -15.22
N ILE A 66 -17.70 -4.97 -16.00
CA ILE A 66 -17.91 -6.25 -16.65
C ILE A 66 -16.75 -7.17 -16.25
N PRO A 67 -16.90 -7.90 -15.11
CA PRO A 67 -15.81 -8.76 -14.65
C PRO A 67 -15.32 -9.76 -15.68
N GLU A 68 -14.00 -9.89 -15.77
N GLU A 68 -13.99 -9.88 -15.78
CA GLU A 68 -13.33 -10.78 -16.71
CA GLU A 68 -13.33 -10.75 -16.74
C GLU A 68 -11.94 -11.14 -16.21
C GLU A 68 -11.93 -11.13 -16.23
N GLY A 69 -11.40 -12.25 -16.73
CA GLY A 69 -10.07 -12.72 -16.41
C GLY A 69 -9.80 -12.91 -14.93
N ARG A 70 -8.67 -12.39 -14.46
CA ARG A 70 -8.28 -12.49 -13.07
C ARG A 70 -8.93 -11.31 -12.35
N VAL A 71 -9.78 -11.63 -11.37
CA VAL A 71 -10.53 -10.65 -10.57
C VAL A 71 -9.87 -10.55 -9.19
N ILE A 72 -9.51 -9.31 -8.80
CA ILE A 72 -9.01 -9.05 -7.45
C ILE A 72 -10.15 -8.37 -6.69
N ASP A 73 -10.49 -8.92 -5.51
CA ASP A 73 -11.56 -8.40 -4.66
C ASP A 73 -10.99 -7.91 -3.31
N LEU A 74 -10.77 -6.59 -3.21
CA LEU A 74 -10.18 -5.92 -2.03
C LEU A 74 -11.23 -5.63 -0.98
N GLY A 75 -11.03 -6.15 0.24
CA GLY A 75 -12.00 -5.99 1.32
C GLY A 75 -13.14 -6.96 1.05
N CYS A 76 -12.80 -8.22 0.72
CA CYS A 76 -13.81 -9.20 0.30
C CYS A 76 -14.78 -9.59 1.42
N GLY A 77 -14.38 -9.41 2.68
CA GLY A 77 -15.21 -9.80 3.83
C GLY A 77 -15.61 -11.27 3.69
N ARG A 78 -16.90 -11.57 3.83
CA ARG A 78 -17.44 -12.95 3.70
C ARG A 78 -17.28 -13.50 2.32
N GLY A 79 -17.22 -12.61 1.30
CA GLY A 79 -16.94 -13.02 -0.07
C GLY A 79 -18.06 -12.87 -1.10
N GLY A 80 -19.06 -12.06 -0.79
CA GLY A 80 -20.21 -11.87 -1.69
C GLY A 80 -19.89 -11.45 -3.11
N TRP A 81 -18.92 -10.51 -3.28
CA TRP A 81 -18.54 -10.06 -4.61
C TRP A 81 -17.73 -11.17 -5.30
N SER A 82 -16.87 -11.86 -4.52
CA SER A 82 -16.07 -12.95 -5.09
C SER A 82 -16.89 -14.10 -5.60
N TYR A 83 -17.82 -14.62 -4.79
CA TYR A 83 -18.63 -15.77 -5.23
C TYR A 83 -19.54 -15.38 -6.40
N TYR A 84 -20.00 -14.09 -6.45
CA TYR A 84 -20.80 -13.67 -7.58
C TYR A 84 -19.95 -13.68 -8.87
N CYS A 85 -18.75 -13.04 -8.85
CA CYS A 85 -17.86 -13.04 -10.03
C CYS A 85 -17.47 -14.42 -10.49
N ALA A 86 -17.30 -15.37 -9.55
CA ALA A 86 -16.91 -16.75 -9.85
C ALA A 86 -17.84 -17.50 -10.84
N GLY A 87 -19.10 -17.07 -10.91
CA GLY A 87 -20.08 -17.66 -11.83
C GLY A 87 -20.17 -16.96 -13.19
N LEU A 88 -19.44 -15.83 -13.36
CA LEU A 88 -19.52 -15.06 -14.63
C LEU A 88 -18.70 -15.69 -15.73
N LYS A 89 -19.28 -15.75 -16.95
CA LYS A 89 -18.64 -16.47 -18.06
C LYS A 89 -17.20 -15.98 -18.39
N LYS A 90 -16.93 -14.67 -18.39
CA LYS A 90 -15.60 -14.14 -18.75
C LYS A 90 -14.59 -14.21 -17.58
N THR A 92 -12.18 -15.98 -14.98
CA THR A 92 -11.31 -17.19 -14.92
C THR A 92 -10.65 -17.48 -13.56
N GLU A 93 -10.52 -16.44 -12.69
CA GLU A 93 -9.86 -16.55 -11.39
C GLU A 93 -10.31 -15.41 -10.54
N VAL A 94 -10.60 -15.71 -9.27
CA VAL A 94 -11.03 -14.68 -8.29
C VAL A 94 -10.12 -14.81 -7.07
N ARG A 95 -9.50 -13.69 -6.69
CA ARG A 95 -8.64 -13.60 -5.51
C ARG A 95 -9.18 -12.51 -4.59
N GLY A 96 -9.67 -12.89 -3.41
CA GLY A 96 -10.20 -11.94 -2.44
C GLY A 96 -9.24 -11.78 -1.28
N TYR A 97 -9.11 -10.55 -0.80
CA TYR A 97 -8.29 -10.20 0.35
C TYR A 97 -9.14 -9.50 1.37
N THR A 98 -8.99 -9.85 2.66
CA THR A 98 -9.77 -9.15 3.67
C THR A 98 -8.98 -9.15 5.00
N LYS A 99 -9.22 -8.15 5.85
CA LYS A 99 -8.49 -8.03 7.12
C LYS A 99 -8.83 -9.15 8.11
N GLY A 100 -10.12 -9.44 8.29
CA GLY A 100 -10.57 -10.45 9.25
C GLY A 100 -10.18 -10.05 10.68
N GLY A 101 -10.22 -11.00 11.59
CA GLY A 101 -9.91 -10.76 12.99
C GLY A 101 -11.00 -10.03 13.74
N PRO A 102 -10.76 -9.64 15.01
CA PRO A 102 -11.82 -8.97 15.81
C PRO A 102 -12.42 -7.78 15.12
N GLY A 103 -13.75 -7.75 15.09
CA GLY A 103 -14.54 -6.67 14.51
C GLY A 103 -14.72 -6.68 13.00
N HIS A 104 -14.15 -7.72 12.32
CA HIS A 104 -14.20 -7.82 10.86
C HIS A 104 -14.74 -9.19 10.42
N GLU A 105 -15.39 -9.19 9.26
CA GLU A 105 -15.92 -10.44 8.69
C GLU A 105 -14.80 -11.38 8.20
N GLU A 106 -15.00 -12.69 8.39
CA GLU A 106 -14.11 -13.70 7.88
C GLU A 106 -14.73 -14.27 6.61
N PRO A 107 -13.88 -14.69 5.63
CA PRO A 107 -14.41 -15.35 4.43
C PRO A 107 -15.20 -16.59 4.82
N VAL A 108 -16.33 -16.81 4.12
CA VAL A 108 -17.21 -17.95 4.37
C VAL A 108 -16.95 -18.93 3.24
N PRO A 109 -16.59 -20.17 3.57
CA PRO A 109 -16.38 -21.17 2.50
C PRO A 109 -17.70 -21.60 1.89
N MET A 110 -17.78 -21.55 0.56
CA MET A 110 -19.02 -21.92 -0.18
C MET A 110 -18.76 -22.81 -1.36
N SER A 111 -19.83 -23.47 -1.82
CA SER A 111 -19.77 -24.37 -2.95
C SER A 111 -20.75 -23.93 -4.04
N THR A 112 -20.93 -22.58 -4.14
CA THR A 112 -21.76 -21.99 -5.20
C THR A 112 -21.00 -22.10 -6.51
N TYR A 113 -21.68 -21.89 -7.61
CA TYR A 113 -21.10 -22.08 -8.95
C TYR A 113 -19.80 -21.32 -9.18
N GLY A 114 -18.77 -22.07 -9.56
CA GLY A 114 -17.42 -21.55 -9.78
C GLY A 114 -16.57 -21.42 -8.54
N TRP A 115 -17.02 -22.01 -7.38
CA TRP A 115 -16.25 -21.92 -6.12
C TRP A 115 -14.75 -22.34 -6.28
N ASN A 116 -14.46 -23.25 -7.20
CA ASN A 116 -13.11 -23.79 -7.38
C ASN A 116 -12.11 -22.77 -7.99
N ILE A 117 -12.59 -21.64 -8.53
CA ILE A 117 -11.66 -20.64 -9.10
C ILE A 117 -11.46 -19.46 -8.09
N VAL A 118 -12.02 -19.61 -6.87
CA VAL A 118 -11.98 -18.59 -5.82
C VAL A 118 -10.95 -18.95 -4.73
N LYS A 119 -10.16 -17.95 -4.32
CA LYS A 119 -9.29 -18.08 -3.15
C LYS A 119 -9.48 -16.80 -2.34
N LEU A 120 -10.00 -16.93 -1.11
CA LEU A 120 -10.21 -15.80 -0.22
C LEU A 120 -9.16 -15.91 0.86
N MET A 121 -8.46 -14.82 1.11
CA MET A 121 -7.39 -14.76 2.11
C MET A 121 -7.66 -13.73 3.16
N SER A 122 -7.79 -14.20 4.42
CA SER A 122 -8.01 -13.32 5.55
C SER A 122 -6.64 -12.86 6.13
N GLY A 123 -6.66 -11.99 7.14
CA GLY A 123 -5.44 -11.51 7.79
C GLY A 123 -4.65 -10.61 6.87
N LYS A 124 -5.34 -10.02 5.85
CA LYS A 124 -4.63 -9.19 4.88
C LYS A 124 -5.15 -7.77 4.91
N ASP A 125 -4.29 -6.86 5.33
CA ASP A 125 -4.65 -5.44 5.33
C ASP A 125 -4.16 -4.93 3.96
N VAL A 126 -5.10 -4.53 3.10
CA VAL A 126 -4.80 -4.06 1.73
C VAL A 126 -3.87 -2.84 1.70
N PHE A 127 -3.84 -2.05 2.79
CA PHE A 127 -2.93 -0.89 2.87
C PHE A 127 -1.44 -1.32 2.96
N TYR A 128 -1.16 -2.64 3.10
CA TYR A 128 0.23 -3.11 3.12
C TYR A 128 0.49 -4.08 1.97
N LEU A 129 -0.46 -4.24 1.08
CA LEU A 129 -0.30 -5.17 -0.04
C LEU A 129 0.34 -4.53 -1.27
N PRO A 130 1.36 -5.16 -1.90
CA PRO A 130 1.86 -4.59 -3.16
C PRO A 130 0.81 -4.93 -4.25
N PRO A 131 0.61 -4.06 -5.27
CA PRO A 131 -0.36 -4.39 -6.32
C PRO A 131 0.04 -5.61 -7.15
N GLU A 132 -0.97 -6.34 -7.60
CA GLU A 132 -0.84 -7.52 -8.44
C GLU A 132 -1.50 -7.24 -9.80
N LYS A 133 -1.00 -7.92 -10.85
CA LYS A 133 -1.59 -7.82 -12.19
C LYS A 133 -2.97 -8.46 -12.12
N CYS A 134 -3.98 -7.82 -12.70
CA CYS A 134 -5.34 -8.36 -12.74
C CYS A 134 -6.10 -7.72 -13.90
N ASP A 135 -7.21 -8.35 -14.32
CA ASP A 135 -8.07 -7.83 -15.39
C ASP A 135 -9.28 -7.09 -14.84
N THR A 136 -9.65 -7.33 -13.57
CA THR A 136 -10.78 -6.65 -12.90
C THR A 136 -10.30 -6.33 -11.49
N LEU A 137 -10.49 -5.10 -11.06
CA LEU A 137 -10.13 -4.65 -9.73
C LEU A 137 -11.39 -4.18 -9.06
N LEU A 138 -11.75 -4.86 -7.98
CA LEU A 138 -12.90 -4.53 -7.15
C LEU A 138 -12.44 -4.14 -5.77
N CYS A 139 -13.15 -3.18 -5.16
CA CYS A 139 -12.79 -2.74 -3.83
C CYS A 139 -14.02 -2.27 -3.12
N ASP A 140 -14.34 -2.87 -1.97
CA ASP A 140 -15.57 -2.45 -1.26
C ASP A 140 -15.23 -1.95 0.13
N ILE A 141 -14.09 -1.28 0.28
CA ILE A 141 -13.60 -0.82 1.59
C ILE A 141 -14.05 0.62 1.86
N GLY A 142 -14.41 0.87 3.10
CA GLY A 142 -14.76 2.21 3.57
C GLY A 142 -15.70 2.10 4.74
N GLU A 143 -15.15 2.20 5.94
CA GLU A 143 -15.96 2.06 7.14
C GLU A 143 -16.58 3.41 7.50
N SER A 144 -17.91 3.38 7.66
CA SER A 144 -18.68 4.58 8.03
C SER A 144 -18.27 5.07 9.43
N SER A 145 -18.34 6.39 9.63
CA SER A 145 -18.02 7.00 10.92
C SER A 145 -18.96 8.19 11.10
N PRO A 146 -19.39 8.50 12.34
CA PRO A 146 -20.18 9.73 12.56
C PRO A 146 -19.35 10.98 12.18
N SER A 147 -18.02 10.85 12.14
CA SER A 147 -17.17 11.98 11.80
C SER A 147 -16.98 12.05 10.25
N PRO A 148 -17.42 13.13 9.56
CA PRO A 148 -17.17 13.22 8.11
C PRO A 148 -15.66 13.39 7.79
N THR A 149 -14.86 14.02 8.69
CA THR A 149 -13.42 14.17 8.45
C THR A 149 -12.70 12.82 8.57
N VAL A 150 -13.18 11.92 9.44
CA VAL A 150 -12.64 10.56 9.51
C VAL A 150 -12.97 9.84 8.16
N GLU A 151 -14.24 9.98 7.71
CA GLU A 151 -14.71 9.36 6.48
C GLU A 151 -13.94 9.89 5.27
N GLU A 152 -13.63 11.20 5.27
CA GLU A 152 -12.85 11.83 4.20
C GLU A 152 -11.45 11.23 4.13
N SER A 153 -10.77 11.08 5.29
CA SER A 153 -9.43 10.49 5.36
C SER A 153 -9.49 9.03 4.87
N ARG A 154 -10.47 8.25 5.32
CA ARG A 154 -10.65 6.85 4.89
C ARG A 154 -10.84 6.71 3.37
N THR A 155 -11.65 7.62 2.78
CA THR A 155 -11.96 7.65 1.35
C THR A 155 -10.70 7.96 0.54
N ILE A 156 -9.97 9.05 0.91
CA ILE A 156 -8.71 9.39 0.22
C ILE A 156 -7.72 8.23 0.31
N ARG A 157 -7.60 7.63 1.50
CA ARG A 157 -6.68 6.51 1.70
C ARG A 157 -6.99 5.36 0.73
N VAL A 158 -8.29 5.05 0.58
CA VAL A 158 -8.72 4.01 -0.36
C VAL A 158 -8.36 4.39 -1.84
N LEU A 159 -8.65 5.65 -2.24
CA LEU A 159 -8.41 6.12 -3.61
C LEU A 159 -6.91 6.10 -3.95
N LYS A 160 -6.06 6.44 -2.97
CA LYS A 160 -4.61 6.43 -3.19
C LYS A 160 -4.09 5.00 -3.30
N MET A 161 -4.58 4.12 -2.42
CA MET A 161 -4.25 2.69 -2.41
C MET A 161 -4.63 1.97 -3.73
N VAL A 162 -5.86 2.13 -4.21
CA VAL A 162 -6.34 1.40 -5.39
C VAL A 162 -5.63 1.75 -6.69
N GLU A 163 -5.23 3.02 -6.87
CA GLU A 163 -4.70 3.47 -8.15
C GLU A 163 -3.61 2.55 -8.77
N PRO A 164 -2.56 2.13 -8.03
CA PRO A 164 -1.55 1.25 -8.67
C PRO A 164 -2.08 -0.10 -9.11
N TRP A 165 -3.32 -0.48 -8.69
CA TRP A 165 -3.89 -1.73 -9.15
C TRP A 165 -4.60 -1.50 -10.48
N LEU A 166 -4.81 -0.21 -10.87
CA LEU A 166 -5.51 0.19 -12.10
C LEU A 166 -4.57 0.32 -13.26
N LYS A 167 -4.78 -0.52 -14.24
CA LYS A 167 -3.91 -0.63 -15.42
C LYS A 167 -4.77 -1.00 -16.58
N ASN A 168 -5.64 -0.07 -17.01
CA ASN A 168 -6.60 -0.29 -18.11
C ASN A 168 -7.43 -1.57 -17.88
N ASN A 169 -7.90 -1.76 -16.64
CA ASN A 169 -8.71 -2.94 -16.28
C ASN A 169 -10.12 -2.53 -15.97
N GLN A 170 -11.01 -3.54 -15.83
CA GLN A 170 -12.39 -3.29 -15.38
C GLN A 170 -12.32 -2.98 -13.87
N PHE A 171 -13.11 -2.01 -13.36
CA PHE A 171 -13.06 -1.72 -11.92
C PHE A 171 -14.40 -1.28 -11.31
N CYS A 172 -14.51 -1.48 -10.01
CA CYS A 172 -15.70 -1.03 -9.25
C CYS A 172 -15.16 -0.81 -7.84
N ILE A 173 -15.11 0.45 -7.42
CA ILE A 173 -14.48 0.88 -6.18
C ILE A 173 -15.44 1.69 -5.33
N LYS A 174 -15.60 1.29 -4.06
CA LYS A 174 -16.46 2.06 -3.16
C LYS A 174 -15.79 3.39 -2.82
N VAL A 175 -16.58 4.46 -2.85
CA VAL A 175 -16.14 5.81 -2.45
C VAL A 175 -17.08 6.15 -1.30
N LEU A 176 -16.61 5.90 -0.08
CA LEU A 176 -17.39 6.05 1.16
C LEU A 176 -18.04 7.42 1.30
N ASN A 177 -17.20 8.45 1.25
CA ASN A 177 -17.61 9.85 1.38
C ASN A 177 -17.15 10.59 0.10
N PRO A 178 -18.06 10.78 -0.87
CA PRO A 178 -17.63 11.40 -2.16
C PRO A 178 -17.86 12.89 -2.25
N TYR A 179 -18.44 13.52 -1.23
CA TYR A 179 -18.87 14.93 -1.30
C TYR A 179 -17.85 15.94 -0.81
N MET A 180 -16.85 15.49 -0.02
CA MET A 180 -15.84 16.45 0.49
C MET A 180 -14.98 16.99 -0.67
N PRO A 181 -14.76 18.34 -0.74
CA PRO A 181 -13.96 18.90 -1.86
C PRO A 181 -12.61 18.22 -2.13
N THR A 182 -11.84 17.78 -1.09
CA THR A 182 -10.56 17.11 -1.37
C THR A 182 -10.81 15.75 -2.06
N VAL A 183 -11.91 15.05 -1.69
CA VAL A 183 -12.27 13.77 -2.32
C VAL A 183 -12.60 14.02 -3.79
N ILE A 184 -13.46 15.02 -4.05
CA ILE A 184 -13.84 15.40 -5.42
C ILE A 184 -12.60 15.68 -6.29
N GLU A 185 -11.62 16.41 -5.74
CA GLU A 185 -10.35 16.72 -6.44
C GLU A 185 -9.67 15.42 -6.88
N HIS A 186 -9.55 14.45 -5.95
CA HIS A 186 -8.95 13.15 -6.24
C HIS A 186 -9.76 12.40 -7.29
N LEU A 187 -11.08 12.36 -7.14
CA LEU A 187 -11.98 11.67 -8.09
C LEU A 187 -11.86 12.25 -9.49
N GLU A 188 -11.80 13.58 -9.60
CA GLU A 188 -11.66 14.24 -10.89
C GLU A 188 -10.34 13.90 -11.57
N ARG A 189 -9.24 13.91 -10.80
CA ARG A 189 -7.93 13.52 -11.30
C ARG A 189 -7.97 12.05 -11.76
N LEU A 190 -8.52 11.17 -10.93
CA LEU A 190 -8.63 9.73 -11.25
C LEU A 190 -9.47 9.48 -12.50
N GLN A 191 -10.62 10.19 -12.64
CA GLN A 191 -11.48 10.06 -13.82
C GLN A 191 -10.77 10.54 -15.11
N ARG A 192 -9.94 11.59 -15.05
CA ARG A 192 -9.21 12.03 -16.25
C ARG A 192 -8.22 10.96 -16.75
N LYS A 193 -7.55 10.28 -15.81
CA LYS A 193 -6.53 9.29 -16.15
C LYS A 193 -7.13 7.90 -16.48
N HIS A 194 -8.07 7.41 -15.66
CA HIS A 194 -8.65 6.06 -15.78
C HIS A 194 -10.08 6.03 -16.31
N GLY A 195 -10.70 7.19 -16.48
CA GLY A 195 -12.08 7.26 -16.99
C GLY A 195 -13.09 6.79 -15.96
N GLY A 196 -14.21 6.27 -16.45
CA GLY A 196 -15.24 5.75 -15.55
C GLY A 196 -16.14 6.83 -15.01
N MET A 197 -17.03 6.46 -14.07
CA MET A 197 -18.01 7.37 -13.51
C MET A 197 -18.42 6.92 -12.12
N LEU A 198 -18.95 7.86 -11.32
N LEU A 198 -18.95 7.86 -11.31
CA LEU A 198 -19.44 7.58 -9.97
CA LEU A 198 -19.46 7.59 -9.96
C LEU A 198 -20.95 7.30 -10.06
C LEU A 198 -20.96 7.32 -10.04
N VAL A 199 -21.39 6.20 -9.43
CA VAL A 199 -22.79 5.78 -9.49
C VAL A 199 -23.32 5.44 -8.09
N ARG A 200 -24.55 5.89 -7.80
CA ARG A 200 -25.25 5.55 -6.58
C ARG A 200 -26.01 4.24 -6.83
N ASN A 201 -25.78 3.24 -5.98
CA ASN A 201 -26.47 1.95 -6.08
C ASN A 201 -27.81 2.07 -5.29
N PRO A 202 -28.98 1.67 -5.88
CA PRO A 202 -30.26 1.75 -5.14
C PRO A 202 -30.33 0.85 -3.91
N LEU A 203 -29.44 -0.16 -3.83
CA LEU A 203 -29.34 -1.07 -2.68
C LEU A 203 -28.58 -0.47 -1.49
N SER A 204 -27.95 0.72 -1.70
CA SER A 204 -27.26 1.39 -0.62
C SER A 204 -28.29 1.97 0.36
N ARG A 205 -27.99 1.88 1.66
CA ARG A 205 -28.86 2.49 2.67
C ARG A 205 -28.72 4.02 2.67
N ASN A 206 -29.76 4.72 3.14
CA ASN A 206 -29.71 6.20 3.20
C ASN A 206 -28.71 6.69 4.27
N SER A 207 -28.32 5.78 5.19
CA SER A 207 -27.39 6.09 6.28
C SER A 207 -25.92 6.20 5.81
N THR A 208 -25.66 5.96 4.50
CA THR A 208 -24.33 6.15 3.96
C THR A 208 -24.47 6.92 2.64
N HIS A 209 -23.53 7.83 2.34
CA HIS A 209 -23.47 8.59 1.09
C HIS A 209 -22.58 7.89 0.06
N GLU A 210 -22.24 6.62 0.31
CA GLU A 210 -21.36 5.86 -0.58
C GLU A 210 -21.84 5.86 -2.03
N MET A 211 -20.89 5.97 -2.94
CA MET A 211 -21.15 5.84 -4.39
C MET A 211 -20.01 5.00 -4.89
N TYR A 212 -20.15 4.37 -6.07
CA TYR A 212 -19.09 3.51 -6.57
C TYR A 212 -18.53 4.05 -7.86
N TRP A 213 -17.18 4.09 -7.95
CA TRP A 213 -16.47 4.50 -9.14
C TRP A 213 -16.34 3.25 -10.00
N ILE A 214 -17.12 3.23 -11.13
CA ILE A 214 -17.18 2.08 -12.04
C ILE A 214 -16.47 2.43 -13.35
N SER A 215 -15.87 1.45 -14.02
CA SER A 215 -15.06 1.72 -15.20
C SER A 215 -15.83 2.09 -16.46
N ASN A 216 -17.07 1.58 -16.64
CA ASN A 216 -17.80 1.77 -17.90
C ASN A 216 -18.91 2.78 -17.81
N GLY A 217 -18.50 4.03 -17.93
CA GLY A 217 -19.42 5.15 -17.85
C GLY A 217 -18.67 6.44 -17.97
N THR A 218 -19.42 7.51 -18.10
CA THR A 218 -18.85 8.83 -18.26
C THR A 218 -19.84 9.74 -17.58
N GLY A 219 -19.43 10.95 -17.27
CA GLY A 219 -20.34 11.88 -16.63
C GLY A 219 -19.68 12.86 -15.71
N ASN A 220 -20.48 13.76 -15.18
CA ASN A 220 -20.00 14.82 -14.31
C ASN A 220 -20.12 14.32 -12.87
N ILE A 221 -18.97 14.14 -12.20
CA ILE A 221 -18.91 13.62 -10.82
C ILE A 221 -19.62 14.56 -9.83
N VAL A 222 -19.28 15.85 -9.85
CA VAL A 222 -19.91 16.83 -8.93
C VAL A 222 -21.48 16.77 -9.04
N SER A 223 -22.02 16.74 -10.27
CA SER A 223 -23.46 16.68 -10.55
C SER A 223 -24.05 15.40 -9.93
N SER A 224 -23.42 14.25 -10.16
CA SER A 224 -23.89 12.97 -9.62
C SER A 224 -23.87 12.97 -8.09
N VAL A 225 -22.82 13.57 -7.47
CA VAL A 225 -22.69 13.62 -6.01
C VAL A 225 -23.80 14.49 -5.40
N ASN A 226 -23.98 15.71 -5.94
CA ASN A 226 -25.00 16.63 -5.45
C ASN A 226 -26.43 16.06 -5.60
N MET A 227 -26.69 15.31 -6.69
N MET A 227 -26.69 15.31 -6.69
CA MET A 227 -28.00 14.68 -6.91
CA MET A 227 -27.98 14.65 -6.96
C MET A 227 -28.27 13.67 -5.77
C MET A 227 -28.27 13.67 -5.79
N VAL A 228 -27.24 12.89 -5.39
CA VAL A 228 -27.34 11.96 -4.24
C VAL A 228 -27.55 12.73 -2.93
N SER A 229 -26.77 13.82 -2.70
CA SER A 229 -26.98 14.58 -1.46
C SER A 229 -28.43 15.08 -1.37
N ARG A 230 -28.97 15.59 -2.49
CA ARG A 230 -30.36 16.11 -2.54
C ARG A 230 -31.37 14.98 -2.28
N LEU A 231 -31.10 13.79 -2.82
CA LEU A 231 -31.96 12.63 -2.64
C LEU A 231 -32.02 12.26 -1.18
N LEU A 232 -30.86 12.12 -0.54
CA LEU A 232 -30.73 11.72 0.88
C LEU A 232 -31.30 12.75 1.82
N LEU A 233 -31.14 14.05 1.49
CA LEU A 233 -31.73 15.11 2.27
C LEU A 233 -33.23 15.08 2.18
N ASN A 234 -33.76 14.86 0.96
CA ASN A 234 -35.22 14.82 0.73
C ASN A 234 -35.86 13.65 1.50
N ARG A 235 -35.12 12.52 1.63
CA ARG A 235 -35.65 11.35 2.34
C ARG A 235 -35.80 11.57 3.86
N PHE A 236 -35.30 12.69 4.41
CA PHE A 236 -35.52 13.04 5.82
C PHE A 236 -36.90 13.69 5.98
N THR A 237 -37.43 14.30 4.89
CA THR A 237 -38.69 15.09 4.89
C THR A 237 -39.95 14.28 5.16
N MET A 238 -40.12 13.17 4.45
CA MET A 238 -41.36 12.40 4.56
C MET A 238 -41.26 11.22 5.50
N THR A 239 -42.43 10.72 5.97
CA THR A 239 -42.62 9.52 6.80
C THR A 239 -41.98 8.36 6.03
N HIS A 240 -41.47 7.36 6.76
CA HIS A 240 -40.81 6.17 6.21
C HIS A 240 -41.55 5.52 5.05
N ARG A 241 -40.85 5.35 3.92
CA ARG A 241 -41.36 4.61 2.78
C ARG A 241 -40.71 3.26 2.90
N ARG A 242 -41.51 2.21 3.01
CA ARG A 242 -40.92 0.86 3.13
C ARG A 242 -40.03 0.55 1.94
N PRO A 243 -38.92 -0.22 2.10
CA PRO A 243 -38.03 -0.44 0.95
C PRO A 243 -38.68 -1.28 -0.12
N THR A 244 -38.26 -1.08 -1.37
CA THR A 244 -38.74 -1.86 -2.53
C THR A 244 -38.02 -3.18 -2.36
N ILE A 245 -38.77 -4.28 -2.24
CA ILE A 245 -38.19 -5.59 -1.99
C ILE A 245 -37.99 -6.36 -3.29
N GLU A 246 -36.77 -6.92 -3.46
CA GLU A 246 -36.43 -7.68 -4.67
C GLU A 246 -35.95 -9.07 -4.28
N LYS A 247 -35.91 -9.99 -5.25
CA LYS A 247 -35.42 -11.33 -4.99
C LYS A 247 -33.90 -11.30 -4.85
N ASP A 248 -33.37 -12.13 -3.94
CA ASP A 248 -31.92 -12.25 -3.81
C ASP A 248 -31.39 -13.16 -4.94
N VAL A 249 -30.08 -13.14 -5.17
CA VAL A 249 -29.46 -13.92 -6.25
C VAL A 249 -29.25 -15.39 -5.85
N ASP A 250 -29.44 -16.27 -6.81
CA ASP A 250 -29.18 -17.68 -6.65
C ASP A 250 -27.83 -17.91 -7.36
N LEU A 251 -26.78 -18.21 -6.60
CA LEU A 251 -25.45 -18.43 -7.15
C LEU A 251 -25.19 -19.89 -7.54
N GLY A 252 -26.24 -20.71 -7.50
CA GLY A 252 -26.17 -22.12 -7.92
C GLY A 252 -25.11 -22.98 -7.25
N ALA A 253 -24.52 -23.88 -8.03
CA ALA A 253 -23.57 -24.89 -7.55
C ALA A 253 -22.72 -25.38 -8.70
N GLY A 254 -21.67 -26.09 -8.36
CA GLY A 254 -20.83 -26.71 -9.38
C GLY A 254 -19.49 -26.04 -9.60
N THR A 255 -18.60 -26.78 -10.26
CA THR A 255 -17.26 -26.32 -10.53
C THR A 255 -17.17 -25.82 -11.98
N ARG A 256 -16.15 -25.05 -12.28
CA ARG A 256 -15.87 -24.49 -13.61
C ARG A 256 -14.44 -24.79 -13.99
N GLU B 1 10.31 26.87 0.04
CA GLU B 1 11.40 26.05 0.57
C GLU B 1 10.81 24.98 1.48
N THR B 2 11.28 23.75 1.27
CA THR B 2 10.76 22.61 2.04
C THR B 2 11.38 22.56 3.42
N LEU B 3 10.71 21.86 4.32
CA LEU B 3 11.20 21.62 5.66
C LEU B 3 12.59 20.90 5.58
N GLY B 4 12.72 19.97 4.65
CA GLY B 4 13.96 19.21 4.46
C GLY B 4 15.12 20.12 4.11
N GLU B 5 14.85 21.14 3.29
CA GLU B 5 15.89 22.12 2.89
C GLU B 5 16.34 22.98 4.10
N LYS B 6 15.39 23.28 5.02
CA LYS B 6 15.71 24.06 6.23
C LYS B 6 16.60 23.21 7.16
N TRP B 7 16.32 21.91 7.26
CA TRP B 7 17.13 20.94 8.01
C TRP B 7 18.53 20.86 7.40
N LYS B 8 18.62 20.78 6.04
CA LYS B 8 19.91 20.66 5.34
C LYS B 8 20.79 21.90 5.59
N LYS B 9 20.20 23.10 5.56
CA LYS B 9 20.92 24.37 5.81
C LYS B 9 21.50 24.34 7.25
N LYS B 10 20.70 23.90 8.24
CA LYS B 10 21.15 23.79 9.64
C LYS B 10 22.27 22.78 9.77
N LEU B 11 22.10 21.60 9.14
CA LEU B 11 23.11 20.55 9.17
C LEU B 11 24.45 21.05 8.61
N ASN B 12 24.42 21.82 7.49
CA ASN B 12 25.62 22.37 6.84
C ASN B 12 26.34 23.42 7.69
N GLN B 13 25.61 24.07 8.61
CA GLN B 13 26.15 25.10 9.52
C GLN B 13 26.83 24.49 10.75
N LEU B 14 26.61 23.18 11.04
CA LEU B 14 27.20 22.53 12.21
C LEU B 14 28.70 22.36 12.14
N SER B 15 29.37 22.54 13.29
CA SER B 15 30.81 22.28 13.40
C SER B 15 30.98 20.74 13.41
N ARG B 16 32.20 20.23 13.14
CA ARG B 16 32.44 18.78 13.12
C ARG B 16 32.08 18.14 14.47
N LYS B 17 32.33 18.87 15.58
CA LYS B 17 32.01 18.42 16.94
C LYS B 17 30.49 18.34 17.12
N GLU B 18 29.74 19.38 16.71
CA GLU B 18 28.28 19.46 16.81
C GLU B 18 27.61 18.36 15.96
N PHE B 19 28.17 18.13 14.74
CA PHE B 19 27.69 17.13 13.78
C PHE B 19 27.81 15.72 14.34
N ASP B 20 28.97 15.41 14.95
CA ASP B 20 29.28 14.09 15.53
C ASP B 20 28.32 13.70 16.63
N LEU B 21 27.95 14.69 17.46
CA LEU B 21 26.98 14.52 18.55
C LEU B 21 25.57 14.37 17.97
N TYR B 22 25.18 15.32 17.10
CA TYR B 22 23.86 15.30 16.47
C TYR B 22 23.51 14.00 15.73
N LYS B 23 24.43 13.50 14.89
CA LYS B 23 24.17 12.34 14.01
C LYS B 23 23.71 11.06 14.74
N LYS B 24 24.07 10.93 16.02
CA LYS B 24 23.68 9.72 16.73
C LYS B 24 22.62 9.96 17.80
N SER B 25 22.20 11.22 18.00
CA SER B 25 21.24 11.58 19.04
C SER B 25 19.88 10.91 18.89
N GLY B 26 19.53 10.04 19.83
CA GLY B 26 18.26 9.33 19.83
C GLY B 26 18.14 8.22 18.79
N ILE B 27 19.25 7.89 18.08
CA ILE B 27 19.14 6.85 17.06
C ILE B 27 19.26 5.45 17.64
N THR B 28 18.99 4.44 16.81
CA THR B 28 19.23 3.06 17.19
C THR B 28 20.49 2.66 16.41
N GLU B 29 21.37 1.88 17.04
CA GLU B 29 22.54 1.37 16.34
C GLU B 29 22.96 0.00 16.86
N VAL B 30 23.54 -0.79 15.98
CA VAL B 30 24.08 -2.08 16.39
C VAL B 30 25.53 -1.96 16.86
N ASP B 31 25.90 -2.84 17.82
CA ASP B 31 27.24 -2.88 18.37
C ASP B 31 28.12 -3.65 17.41
N ARG B 32 28.97 -2.92 16.67
CA ARG B 32 29.88 -3.49 15.66
C ARG B 32 31.27 -3.83 16.16
N THR B 33 31.52 -3.65 17.46
CA THR B 33 32.84 -3.89 18.08
C THR B 33 33.38 -5.31 17.85
N GLU B 34 32.59 -6.35 18.19
CA GLU B 34 33.01 -7.75 18.02
C GLU B 34 33.17 -8.11 16.53
N ALA B 35 32.25 -7.61 15.67
CA ALA B 35 32.25 -7.84 14.22
C ALA B 35 33.46 -7.23 13.52
N LYS B 36 33.79 -5.97 13.81
CA LYS B 36 34.94 -5.25 13.21
C LYS B 36 36.26 -5.94 13.49
N GLU B 37 36.43 -6.40 14.74
CA GLU B 37 37.64 -7.13 15.14
C GLU B 37 37.73 -8.49 14.49
N GLY B 38 36.60 -9.21 14.45
CA GLY B 38 36.49 -10.52 13.79
C GLY B 38 36.82 -10.42 12.31
N LEU B 39 36.26 -9.41 11.64
CA LEU B 39 36.50 -9.12 10.21
C LEU B 39 37.97 -8.76 9.94
N LYS B 40 38.61 -8.01 10.88
CA LYS B 40 40.02 -7.63 10.82
C LYS B 40 40.87 -8.89 10.87
N ARG B 41 40.44 -9.89 11.69
CA ARG B 41 41.11 -11.18 11.86
C ARG B 41 40.89 -12.15 10.68
N GLY B 42 40.03 -11.77 9.75
CA GLY B 42 39.73 -12.58 8.58
C GLY B 42 38.66 -13.63 8.82
N GLU B 43 37.84 -13.48 9.89
CA GLU B 43 36.77 -14.45 10.17
C GLU B 43 35.64 -14.25 9.17
N THR B 44 35.15 -15.35 8.59
CA THR B 44 34.10 -15.29 7.55
C THR B 44 32.73 -15.86 7.98
N THR B 45 32.57 -16.23 9.25
CA THR B 45 31.29 -16.73 9.77
C THR B 45 30.68 -15.76 10.80
N HIS B 46 29.34 -15.79 10.96
CA HIS B 46 28.50 -15.01 11.90
C HIS B 46 28.43 -13.52 11.62
N HIS B 47 29.57 -12.89 11.42
CA HIS B 47 29.64 -11.43 11.23
C HIS B 47 28.94 -10.90 10.01
N ALA B 48 28.26 -9.76 10.18
CA ALA B 48 27.71 -8.99 9.09
C ALA B 48 28.90 -8.14 8.60
N VAL B 49 29.03 -7.95 7.29
CA VAL B 49 30.18 -7.22 6.70
C VAL B 49 30.09 -5.70 6.91
N SER B 50 28.89 -5.19 7.24
CA SER B 50 28.63 -3.77 7.44
C SER B 50 27.40 -3.61 8.34
N ARG B 51 27.01 -2.36 8.62
CA ARG B 51 25.78 -2.05 9.38
C ARG B 51 24.54 -2.33 8.51
N GLY B 52 24.76 -2.58 7.22
CA GLY B 52 23.67 -2.80 6.27
C GLY B 52 22.78 -3.99 6.57
N SER B 53 23.39 -5.12 7.03
CA SER B 53 22.59 -6.31 7.37
C SER B 53 21.51 -6.01 8.41
N ALA B 54 21.88 -5.35 9.54
CA ALA B 54 20.94 -4.98 10.58
C ALA B 54 19.93 -3.93 10.06
N LYS B 55 20.36 -3.04 9.16
CA LYS B 55 19.47 -2.01 8.61
C LYS B 55 18.33 -2.65 7.80
N LEU B 56 18.68 -3.58 6.88
CA LEU B 56 17.68 -4.29 6.08
C LEU B 56 16.80 -5.18 6.96
N GLN B 57 17.38 -5.85 7.98
CA GLN B 57 16.62 -6.69 8.89
C GLN B 57 15.47 -5.92 9.51
N TRP B 58 15.71 -4.64 9.88
CA TRP B 58 14.68 -3.81 10.50
C TRP B 58 13.45 -3.78 9.55
N PHE B 59 13.66 -3.58 8.23
CA PHE B 59 12.52 -3.58 7.31
C PHE B 59 11.92 -4.96 7.16
N VAL B 60 12.77 -5.97 6.97
CA VAL B 60 12.29 -7.33 6.73
C VAL B 60 11.48 -7.90 7.89
N GLU B 61 11.87 -7.61 9.13
CA GLU B 61 11.18 -8.20 10.27
C GLU B 61 9.83 -7.54 10.51
N ARG B 62 9.58 -6.43 9.81
CA ARG B 62 8.29 -5.74 9.86
C ARG B 62 7.50 -5.97 8.56
N ASN B 63 7.96 -6.93 7.72
CA ASN B 63 7.32 -7.27 6.44
C ASN B 63 7.17 -6.08 5.44
N MET B 64 8.05 -5.09 5.55
CA MET B 64 8.03 -3.92 4.66
C MET B 64 8.51 -4.30 3.28
N VAL B 65 9.43 -5.25 3.24
CA VAL B 65 9.96 -5.89 2.03
C VAL B 65 10.11 -7.34 2.47
N ILE B 66 9.63 -8.27 1.64
CA ILE B 66 9.70 -9.69 1.94
C ILE B 66 10.63 -10.34 0.88
N PRO B 67 11.95 -10.46 1.14
CA PRO B 67 12.83 -11.03 0.10
C PRO B 67 12.46 -12.48 -0.18
N GLU B 68 12.40 -12.81 -1.48
CA GLU B 68 12.05 -14.13 -1.95
C GLU B 68 12.60 -14.35 -3.33
N GLY B 69 12.73 -15.62 -3.69
CA GLY B 69 13.20 -16.03 -5.01
C GLY B 69 14.52 -15.39 -5.39
N ARG B 70 14.55 -14.80 -6.60
CA ARG B 70 15.73 -14.18 -7.19
C ARG B 70 15.82 -12.75 -6.69
N VAL B 71 16.84 -12.49 -5.87
CA VAL B 71 17.06 -11.18 -5.28
C VAL B 71 18.15 -10.47 -6.04
N ILE B 72 17.86 -9.24 -6.48
CA ILE B 72 18.85 -8.40 -7.14
C ILE B 72 19.22 -7.30 -6.14
N ASP B 73 20.54 -7.15 -5.86
CA ASP B 73 21.04 -6.16 -4.92
C ASP B 73 21.94 -5.12 -5.63
N LEU B 74 21.34 -3.98 -5.97
CA LEU B 74 22.01 -2.90 -6.69
C LEU B 74 22.79 -2.01 -5.73
N GLY B 75 24.09 -1.84 -6.01
CA GLY B 75 25.02 -1.10 -5.16
C GLY B 75 25.30 -1.90 -3.90
N CYS B 76 25.72 -3.18 -4.05
CA CYS B 76 25.87 -4.05 -2.89
C CYS B 76 27.01 -3.67 -1.93
N GLY B 77 28.01 -2.93 -2.42
CA GLY B 77 29.18 -2.54 -1.64
C GLY B 77 29.84 -3.78 -1.08
N ARG B 78 30.07 -3.83 0.24
CA ARG B 78 30.69 -4.98 0.93
C ARG B 78 29.79 -6.24 0.85
N GLY B 79 28.45 -6.04 0.79
CA GLY B 79 27.46 -7.09 0.63
C GLY B 79 26.53 -7.33 1.81
N GLY B 80 26.38 -6.34 2.70
CA GLY B 80 25.54 -6.48 3.88
C GLY B 80 24.12 -6.92 3.61
N TRP B 81 23.47 -6.35 2.58
CA TRP B 81 22.09 -6.72 2.22
C TRP B 81 22.03 -8.12 1.60
N SER B 82 23.00 -8.41 0.74
CA SER B 82 23.07 -9.71 0.05
C SER B 82 23.25 -10.86 1.05
N TYR B 83 24.28 -10.77 1.92
CA TYR B 83 24.51 -11.85 2.91
C TYR B 83 23.33 -12.04 3.88
N TYR B 84 22.63 -10.96 4.21
CA TYR B 84 21.46 -11.08 5.07
C TYR B 84 20.34 -11.82 4.32
N CYS B 85 20.07 -11.46 3.07
CA CYS B 85 19.00 -12.13 2.29
C CYS B 85 19.31 -13.58 2.06
N ALA B 86 20.60 -13.92 1.90
CA ALA B 86 21.05 -15.29 1.66
C ALA B 86 20.62 -16.30 2.71
N GLY B 87 20.36 -15.84 3.94
CA GLY B 87 19.89 -16.71 5.03
C GLY B 87 18.39 -16.88 5.15
N LEU B 88 17.60 -16.16 4.35
CA LEU B 88 16.13 -16.17 4.42
C LEU B 88 15.55 -17.33 3.60
N LYS B 89 14.69 -18.14 4.24
CA LYS B 89 14.10 -19.34 3.66
C LYS B 89 13.53 -19.15 2.22
N LYS B 90 12.78 -18.05 2.02
CA LYS B 90 12.13 -17.78 0.73
C LYS B 90 13.10 -17.43 -0.40
N VAL B 91 14.29 -16.93 -0.04
CA VAL B 91 15.28 -16.49 -1.05
C VAL B 91 15.97 -17.72 -1.69
N THR B 92 16.09 -17.72 -3.03
CA THR B 92 16.76 -18.82 -3.76
C THR B 92 18.08 -18.41 -4.42
N GLU B 93 18.26 -17.13 -4.71
CA GLU B 93 19.47 -16.66 -5.41
C GLU B 93 19.65 -15.20 -5.09
N VAL B 94 20.90 -14.78 -4.83
CA VAL B 94 21.18 -13.37 -4.53
C VAL B 94 22.25 -12.91 -5.48
N ARG B 95 21.93 -11.89 -6.27
CA ARG B 95 22.90 -11.34 -7.23
C ARG B 95 23.13 -9.88 -6.88
N GLY B 96 24.32 -9.59 -6.38
CA GLY B 96 24.75 -8.25 -5.98
C GLY B 96 25.67 -7.61 -7.00
N TYR B 97 25.46 -6.31 -7.25
CA TYR B 97 26.29 -5.60 -8.22
C TYR B 97 26.77 -4.33 -7.57
N THR B 98 28.05 -4.01 -7.74
CA THR B 98 28.62 -2.78 -7.16
C THR B 98 29.72 -2.22 -8.09
N LYS B 99 29.93 -0.90 -8.05
CA LYS B 99 30.90 -0.20 -8.89
C LYS B 99 32.33 -0.61 -8.56
N GLY B 100 32.69 -0.57 -7.27
CA GLY B 100 34.05 -0.86 -6.82
C GLY B 100 35.02 0.23 -7.25
N GLY B 101 36.31 -0.08 -7.18
CA GLY B 101 37.37 0.84 -7.59
C GLY B 101 37.76 1.89 -6.57
N PRO B 102 38.61 2.88 -6.96
CA PRO B 102 39.06 3.89 -5.98
C PRO B 102 37.92 4.67 -5.32
N GLY B 103 37.99 4.74 -3.99
CA GLY B 103 37.02 5.43 -3.16
C GLY B 103 35.71 4.69 -2.93
N HIS B 104 35.57 3.45 -3.49
CA HIS B 104 34.34 2.68 -3.35
C HIS B 104 34.51 1.33 -2.68
N GLU B 105 33.49 0.89 -1.96
CA GLU B 105 33.47 -0.39 -1.24
C GLU B 105 33.60 -1.57 -2.18
N GLU B 106 34.44 -2.55 -1.81
CA GLU B 106 34.59 -3.77 -2.58
C GLU B 106 33.80 -4.90 -1.88
N PRO B 107 33.15 -5.84 -2.60
CA PRO B 107 32.47 -6.96 -1.93
C PRO B 107 33.43 -7.74 -1.02
N VAL B 108 32.95 -8.10 0.19
CA VAL B 108 33.75 -8.84 1.18
C VAL B 108 33.38 -10.31 1.07
N PRO B 109 34.29 -11.24 0.74
CA PRO B 109 33.88 -12.65 0.65
C PRO B 109 33.55 -13.20 2.05
N MET B 110 32.40 -13.86 2.20
CA MET B 110 32.01 -14.44 3.49
C MET B 110 31.57 -15.88 3.37
N SER B 111 31.45 -16.54 4.54
CA SER B 111 30.97 -17.92 4.67
C SER B 111 29.78 -17.98 5.62
N THR B 112 29.03 -16.85 5.74
CA THR B 112 27.81 -16.74 6.55
C THR B 112 26.73 -17.64 5.95
N TYR B 113 25.70 -17.97 6.73
CA TYR B 113 24.67 -18.92 6.27
C TYR B 113 24.06 -18.56 4.89
N GLY B 114 24.10 -19.51 3.96
CA GLY B 114 23.59 -19.28 2.60
C GLY B 114 24.53 -18.53 1.65
N TRP B 115 25.81 -18.36 2.04
CA TRP B 115 26.79 -17.65 1.21
C TRP B 115 26.86 -18.19 -0.24
N ASN B 116 26.59 -19.50 -0.42
CA ASN B 116 26.72 -20.18 -1.72
C ASN B 116 25.69 -19.75 -2.78
N ILE B 117 24.54 -19.19 -2.35
CA ILE B 117 23.51 -18.72 -3.26
C ILE B 117 23.75 -17.24 -3.65
N VAL B 118 24.87 -16.66 -3.16
CA VAL B 118 25.25 -15.26 -3.41
C VAL B 118 26.34 -15.14 -4.46
N LYS B 119 26.16 -14.20 -5.38
CA LYS B 119 27.21 -13.84 -6.33
C LYS B 119 27.30 -12.32 -6.28
N LEU B 120 28.43 -11.80 -5.79
CA LEU B 120 28.71 -10.36 -5.72
C LEU B 120 29.66 -10.00 -6.81
N MET B 121 29.24 -9.07 -7.69
CA MET B 121 30.07 -8.65 -8.83
C MET B 121 30.50 -7.22 -8.69
N SER B 122 31.83 -7.01 -8.58
CA SER B 122 32.36 -5.64 -8.50
C SER B 122 32.61 -5.16 -9.94
N GLY B 123 32.96 -3.89 -10.09
CA GLY B 123 33.25 -3.30 -11.40
C GLY B 123 32.04 -3.21 -12.30
N LYS B 124 30.83 -3.13 -11.70
CA LYS B 124 29.58 -3.07 -12.45
C LYS B 124 28.77 -1.83 -12.16
N ASP B 125 28.46 -1.08 -13.22
CA ASP B 125 27.62 0.11 -13.16
C ASP B 125 26.17 -0.32 -13.43
N VAL B 126 25.32 -0.27 -12.38
CA VAL B 126 23.91 -0.69 -12.44
C VAL B 126 23.10 0.15 -13.45
N PHE B 127 23.58 1.35 -13.77
CA PHE B 127 22.98 2.21 -14.77
C PHE B 127 23.04 1.57 -16.17
N TYR B 128 23.97 0.58 -16.35
CA TYR B 128 24.20 -0.19 -17.60
C TYR B 128 23.80 -1.65 -17.48
N LEU B 129 22.99 -1.99 -16.46
CA LEU B 129 22.56 -3.36 -16.25
C LEU B 129 21.12 -3.51 -16.80
N PRO B 130 20.91 -4.24 -17.92
CA PRO B 130 19.53 -4.36 -18.44
C PRO B 130 18.62 -5.03 -17.41
N PRO B 131 17.45 -4.44 -17.09
CA PRO B 131 16.56 -5.06 -16.09
C PRO B 131 16.26 -6.52 -16.42
N GLU B 132 16.49 -7.36 -15.41
CA GLU B 132 16.30 -8.80 -15.45
C GLU B 132 15.02 -9.20 -14.72
N LYS B 133 14.54 -10.43 -14.99
CA LYS B 133 13.40 -11.00 -14.29
C LYS B 133 13.91 -11.33 -12.86
N CYS B 134 13.27 -10.73 -11.87
CA CYS B 134 13.62 -10.93 -10.47
C CYS B 134 12.38 -10.81 -9.61
N ASP B 135 12.45 -11.42 -8.43
CA ASP B 135 11.37 -11.43 -7.47
C ASP B 135 11.51 -10.34 -6.43
N THR B 136 12.75 -9.95 -6.12
CA THR B 136 13.05 -8.91 -5.15
C THR B 136 14.09 -7.95 -5.72
N LEU B 137 13.77 -6.66 -5.77
CA LEU B 137 14.70 -5.62 -6.22
C LEU B 137 15.16 -4.77 -5.04
N LEU B 138 16.45 -4.80 -4.75
CA LEU B 138 17.07 -4.02 -3.67
C LEU B 138 18.02 -3.02 -4.24
N CYS B 139 18.02 -1.81 -3.69
CA CYS B 139 18.93 -0.79 -4.19
C CYS B 139 19.27 0.13 -3.04
N ASP B 140 20.56 0.27 -2.73
CA ASP B 140 21.00 1.07 -1.60
C ASP B 140 22.01 2.11 -2.05
N ILE B 141 21.74 2.76 -3.19
CA ILE B 141 22.64 3.77 -3.72
C ILE B 141 22.18 5.19 -3.40
N GLY B 142 23.15 6.04 -3.11
CA GLY B 142 22.89 7.46 -2.89
C GLY B 142 24.01 8.10 -2.11
N GLU B 143 24.89 8.84 -2.80
CA GLU B 143 26.03 9.50 -2.18
C GLU B 143 25.63 10.90 -1.71
N SER B 144 25.77 11.16 -0.39
N SER B 144 25.75 11.16 -0.38
CA SER B 144 25.46 12.45 0.24
CA SER B 144 25.43 12.46 0.23
C SER B 144 26.38 13.57 -0.27
C SER B 144 26.36 13.56 -0.26
N SER B 145 25.85 14.78 -0.27
CA SER B 145 26.58 15.97 -0.68
C SER B 145 26.05 17.12 0.16
N PRO B 146 26.88 18.12 0.52
CA PRO B 146 26.35 19.29 1.25
C PRO B 146 25.30 20.04 0.42
N SER B 147 25.38 19.91 -0.92
CA SER B 147 24.43 20.53 -1.83
C SER B 147 23.17 19.66 -2.02
N PRO B 148 21.97 20.13 -1.62
CA PRO B 148 20.75 19.33 -1.85
C PRO B 148 20.39 19.18 -3.35
N THR B 149 20.79 20.16 -4.20
CA THR B 149 20.53 20.10 -5.66
C THR B 149 21.37 18.98 -6.32
N VAL B 150 22.59 18.76 -5.83
CA VAL B 150 23.45 17.66 -6.27
C VAL B 150 22.78 16.34 -5.87
N GLU B 151 22.24 16.27 -4.63
CA GLU B 151 21.57 15.06 -4.14
C GLU B 151 20.30 14.79 -4.90
N GLU B 152 19.57 15.86 -5.26
CA GLU B 152 18.35 15.81 -6.04
C GLU B 152 18.66 15.11 -7.39
N SER B 153 19.72 15.55 -8.08
N SER B 153 19.72 15.55 -8.09
CA SER B 153 20.18 14.95 -9.34
CA SER B 153 20.17 14.96 -9.35
C SER B 153 20.51 13.47 -9.14
C SER B 153 20.52 13.47 -9.15
N ARG B 154 21.29 13.16 -8.10
CA ARG B 154 21.71 11.78 -7.77
C ARG B 154 20.50 10.88 -7.48
N THR B 155 19.51 11.42 -6.75
CA THR B 155 18.29 10.70 -6.35
C THR B 155 17.41 10.39 -7.56
N ILE B 156 17.15 11.40 -8.41
CA ILE B 156 16.35 11.22 -9.63
C ILE B 156 16.98 10.18 -10.58
N ARG B 157 18.32 10.25 -10.73
CA ARG B 157 19.07 9.30 -11.56
C ARG B 157 18.84 7.85 -11.07
N VAL B 158 18.84 7.63 -9.74
CA VAL B 158 18.58 6.31 -9.16
C VAL B 158 17.11 5.88 -9.43
N LEU B 159 16.14 6.78 -9.25
CA LEU B 159 14.71 6.51 -9.44
C LEU B 159 14.38 6.10 -10.87
N LYS B 160 14.97 6.79 -11.85
CA LYS B 160 14.81 6.53 -13.29
C LYS B 160 15.40 5.16 -13.66
N MET B 161 16.54 4.81 -13.04
CA MET B 161 17.23 3.54 -13.25
C MET B 161 16.47 2.34 -12.63
N VAL B 162 15.88 2.46 -11.41
CA VAL B 162 15.20 1.33 -10.74
C VAL B 162 13.85 0.96 -11.38
N GLU B 163 13.07 1.96 -11.82
CA GLU B 163 11.71 1.82 -12.33
C GLU B 163 11.51 0.62 -13.27
N PRO B 164 12.34 0.39 -14.33
CA PRO B 164 12.08 -0.77 -15.21
C PRO B 164 12.37 -2.14 -14.61
N TRP B 165 12.93 -2.20 -13.37
CA TRP B 165 13.21 -3.46 -12.65
C TRP B 165 11.98 -3.86 -11.85
N LEU B 166 11.04 -2.90 -11.69
CA LEU B 166 9.85 -3.08 -10.89
C LEU B 166 8.71 -3.55 -11.77
N LYS B 167 8.24 -4.77 -11.51
CA LYS B 167 7.18 -5.44 -12.26
C LYS B 167 6.46 -6.37 -11.28
N ASN B 168 5.52 -5.82 -10.47
CA ASN B 168 4.76 -6.56 -9.46
C ASN B 168 5.67 -7.44 -8.61
N ASN B 169 6.78 -6.86 -8.16
CA ASN B 169 7.72 -7.61 -7.33
C ASN B 169 8.01 -6.86 -6.05
N GLN B 170 8.68 -7.53 -5.12
CA GLN B 170 9.06 -6.95 -3.84
C GLN B 170 10.21 -5.99 -4.09
N PHE B 171 10.27 -4.90 -3.36
CA PHE B 171 11.39 -3.96 -3.50
C PHE B 171 11.66 -3.12 -2.24
N CYS B 172 12.91 -2.62 -2.13
CA CYS B 172 13.36 -1.75 -1.05
C CYS B 172 14.47 -0.92 -1.63
N ILE B 173 14.18 0.38 -1.83
CA ILE B 173 15.05 1.29 -2.55
C ILE B 173 15.40 2.53 -1.75
N LYS B 174 16.70 2.81 -1.59
CA LYS B 174 17.08 4.03 -0.89
C LYS B 174 16.75 5.27 -1.74
N VAL B 175 16.17 6.28 -1.06
CA VAL B 175 15.87 7.57 -1.63
C VAL B 175 16.73 8.53 -0.79
N LEU B 176 17.91 8.87 -1.34
CA LEU B 176 18.92 9.71 -0.69
C LEU B 176 18.33 11.01 -0.17
N ASN B 177 17.75 11.78 -1.08
CA ASN B 177 17.14 13.05 -0.73
C ASN B 177 15.67 12.98 -1.16
N PRO B 178 14.75 12.68 -0.24
CA PRO B 178 13.32 12.58 -0.64
C PRO B 178 12.54 13.89 -0.48
N TYR B 179 13.17 14.98 0.00
CA TYR B 179 12.42 16.22 0.29
C TYR B 179 12.47 17.27 -0.81
N MET B 180 13.40 17.13 -1.76
CA MET B 180 13.45 18.15 -2.82
C MET B 180 12.16 18.07 -3.65
N PRO B 181 11.53 19.20 -4.01
CA PRO B 181 10.24 19.12 -4.72
C PRO B 181 10.22 18.27 -5.99
N THR B 182 11.27 18.29 -6.84
CA THR B 182 11.27 17.48 -8.08
C THR B 182 11.31 15.97 -7.74
N VAL B 183 11.99 15.62 -6.62
CA VAL B 183 12.07 14.24 -6.13
C VAL B 183 10.65 13.81 -5.69
N ILE B 184 9.98 14.65 -4.88
CA ILE B 184 8.60 14.37 -4.45
C ILE B 184 7.68 14.10 -5.66
N GLU B 185 7.78 14.91 -6.72
CA GLU B 185 7.00 14.71 -7.96
C GLU B 185 7.28 13.33 -8.56
N HIS B 186 8.55 12.99 -8.72
CA HIS B 186 8.96 11.70 -9.27
C HIS B 186 8.42 10.54 -8.44
N LEU B 187 8.50 10.65 -7.11
CA LEU B 187 8.03 9.63 -6.16
C LEU B 187 6.51 9.49 -6.23
N GLU B 188 5.78 10.60 -6.35
CA GLU B 188 4.32 10.54 -6.44
C GLU B 188 3.88 9.77 -7.69
N ARG B 189 4.55 9.99 -8.83
N ARG B 189 4.55 10.00 -8.83
CA ARG B 189 4.32 9.32 -10.11
CA ARG B 189 4.32 9.31 -10.11
C ARG B 189 4.66 7.82 -10.03
C ARG B 189 4.64 7.81 -9.99
N LEU B 190 5.81 7.49 -9.40
CA LEU B 190 6.26 6.09 -9.19
C LEU B 190 5.28 5.33 -8.26
N GLN B 191 4.80 6.00 -7.19
CA GLN B 191 3.84 5.38 -6.27
C GLN B 191 2.48 5.14 -6.95
N ARG B 192 2.01 6.07 -7.85
CA ARG B 192 0.74 5.85 -8.55
C ARG B 192 0.83 4.66 -9.48
N LYS B 193 2.03 4.38 -10.00
CA LYS B 193 2.28 3.26 -10.90
C LYS B 193 2.55 1.93 -10.20
N HIS B 194 3.51 1.90 -9.26
CA HIS B 194 4.00 0.69 -8.58
C HIS B 194 3.54 0.46 -7.13
N GLY B 195 2.89 1.45 -6.55
CA GLY B 195 2.46 1.35 -5.16
C GLY B 195 3.65 1.51 -4.22
N GLY B 196 3.54 0.92 -3.04
CA GLY B 196 4.60 1.04 -2.07
C GLY B 196 4.46 2.34 -1.30
N MET B 197 5.43 2.59 -0.42
CA MET B 197 5.46 3.80 0.43
CA MET B 197 5.44 3.77 0.43
C MET B 197 6.89 4.07 0.86
N LEU B 198 7.14 5.31 1.31
CA LEU B 198 8.45 5.76 1.80
C LEU B 198 8.44 5.60 3.34
N VAL B 199 9.48 4.93 3.89
N VAL B 199 9.49 4.95 3.87
CA VAL B 199 9.62 4.67 5.33
CA VAL B 199 9.64 4.67 5.31
C VAL B 199 11.01 5.10 5.83
C VAL B 199 11.01 5.16 5.81
N ARG B 200 11.08 5.58 7.09
CA ARG B 200 12.31 6.01 7.73
C ARG B 200 12.80 4.87 8.62
N ASN B 201 14.06 4.51 8.46
CA ASN B 201 14.68 3.46 9.27
C ASN B 201 15.30 4.09 10.52
N PRO B 202 14.98 3.61 11.74
CA PRO B 202 15.56 4.24 12.95
C PRO B 202 17.06 4.01 13.13
N LEU B 203 17.66 3.10 12.33
CA LEU B 203 19.10 2.83 12.33
C LEU B 203 19.80 3.85 11.42
N SER B 204 19.01 4.66 10.69
CA SER B 204 19.61 5.71 9.86
C SER B 204 20.13 6.81 10.83
N ARG B 205 21.29 7.42 10.50
CA ARG B 205 21.84 8.51 11.29
C ARG B 205 21.03 9.80 11.06
N ASN B 206 21.05 10.73 12.04
CA ASN B 206 20.29 11.99 11.89
C ASN B 206 20.93 12.87 10.83
N SER B 207 22.18 12.50 10.43
CA SER B 207 22.98 13.27 9.45
C SER B 207 22.49 13.07 8.00
N THR B 208 21.59 12.10 7.79
CA THR B 208 21.00 11.83 6.50
C THR B 208 19.46 11.83 6.58
N HIS B 209 18.82 12.37 5.55
CA HIS B 209 17.36 12.42 5.43
C HIS B 209 16.87 11.23 4.57
N GLU B 210 17.76 10.24 4.32
CA GLU B 210 17.32 9.09 3.52
C GLU B 210 16.03 8.41 4.02
N MET B 211 15.22 7.94 3.08
CA MET B 211 14.03 7.15 3.34
C MET B 211 14.03 6.06 2.31
N TYR B 212 13.32 4.99 2.58
CA TYR B 212 13.35 3.86 1.68
C TYR B 212 11.97 3.64 1.13
N TRP B 213 11.92 3.46 -0.20
CA TRP B 213 10.68 3.17 -0.88
C TRP B 213 10.56 1.64 -0.86
N ILE B 214 9.60 1.15 -0.08
CA ILE B 214 9.33 -0.28 0.11
C ILE B 214 8.03 -0.66 -0.60
N SER B 215 7.94 -1.88 -1.13
CA SER B 215 6.76 -2.29 -1.90
C SER B 215 5.48 -2.48 -1.08
N ASN B 216 5.62 -2.90 0.19
CA ASN B 216 4.47 -3.30 0.98
C ASN B 216 3.94 -2.21 1.86
N GLY B 217 3.19 -1.32 1.25
CA GLY B 217 2.60 -0.22 1.97
C GLY B 217 2.00 0.80 1.05
N THR B 218 1.31 1.78 1.66
CA THR B 218 0.61 2.85 0.98
C THR B 218 0.74 4.06 1.90
N GLY B 219 0.30 5.20 1.43
CA GLY B 219 0.31 6.39 2.28
C GLY B 219 0.64 7.65 1.51
N ASN B 220 0.64 8.79 2.22
CA ASN B 220 0.92 10.08 1.61
C ASN B 220 2.43 10.34 1.71
N ILE B 221 3.12 10.36 0.56
CA ILE B 221 4.59 10.56 0.49
C ILE B 221 4.99 11.91 1.11
N VAL B 222 4.27 13.00 0.74
CA VAL B 222 4.52 14.35 1.24
C VAL B 222 4.52 14.38 2.78
N SER B 223 3.46 13.82 3.40
CA SER B 223 3.30 13.77 4.88
C SER B 223 4.43 12.96 5.55
N SER B 224 4.78 11.80 4.97
CA SER B 224 5.82 10.95 5.56
C SER B 224 7.18 11.67 5.51
N VAL B 225 7.47 12.35 4.40
CA VAL B 225 8.70 13.12 4.24
C VAL B 225 8.76 14.28 5.25
N ASN B 226 7.67 15.03 5.37
CA ASN B 226 7.64 16.16 6.30
C ASN B 226 7.77 15.73 7.78
N MET B 227 7.19 14.57 8.17
N MET B 227 7.20 14.56 8.13
CA MET B 227 7.33 14.10 9.56
CA MET B 227 7.27 13.93 9.46
C MET B 227 8.79 13.73 9.87
C MET B 227 8.75 13.72 9.83
N VAL B 228 9.53 13.21 8.88
CA VAL B 228 10.96 12.92 9.04
C VAL B 228 11.72 14.25 9.23
N SER B 229 11.44 15.26 8.36
CA SER B 229 12.08 16.57 8.49
C SER B 229 11.83 17.15 9.90
N ARG B 230 10.57 17.03 10.41
CA ARG B 230 10.21 17.53 11.75
C ARG B 230 10.99 16.79 12.83
N LEU B 231 11.10 15.46 12.72
CA LEU B 231 11.86 14.65 13.69
C LEU B 231 13.34 15.09 13.75
N LEU B 232 13.99 15.18 12.58
CA LEU B 232 15.40 15.54 12.47
C LEU B 232 15.65 16.98 12.93
N LEU B 233 14.69 17.87 12.71
CA LEU B 233 14.82 19.25 13.21
C LEU B 233 14.74 19.32 14.75
N ASN B 234 13.82 18.53 15.35
CA ASN B 234 13.68 18.47 16.82
C ASN B 234 14.96 17.89 17.44
N ARG B 235 15.63 16.97 16.75
CA ARG B 235 16.82 16.30 17.28
C ARG B 235 18.05 17.21 17.34
N PHE B 236 18.01 18.38 16.67
CA PHE B 236 19.13 19.34 16.78
C PHE B 236 19.18 19.95 18.18
N THR B 237 18.01 20.32 18.72
CA THR B 237 17.84 21.04 19.99
C THR B 237 17.53 20.18 21.22
N MET B 238 16.84 19.07 21.06
CA MET B 238 16.51 18.22 22.20
C MET B 238 17.79 17.77 22.96
N THR B 239 17.69 17.56 24.30
CA THR B 239 18.80 17.06 25.12
C THR B 239 19.39 15.80 24.44
N HIS B 240 20.72 15.73 24.30
CA HIS B 240 21.39 14.62 23.67
C HIS B 240 21.08 13.28 24.34
N ARG B 241 20.69 12.30 23.52
CA ARG B 241 20.40 10.95 23.97
C ARG B 241 21.41 10.05 23.31
N ARG B 242 22.19 9.33 24.11
CA ARG B 242 23.16 8.39 23.55
C ARG B 242 22.34 7.38 22.71
N PRO B 243 22.85 6.88 21.56
CA PRO B 243 22.04 5.94 20.77
C PRO B 243 21.65 4.69 21.54
N THR B 244 20.49 4.13 21.18
CA THR B 244 20.00 2.87 21.73
C THR B 244 20.82 1.77 21.07
N ILE B 245 21.60 1.03 21.87
CA ILE B 245 22.48 -0.01 21.36
C ILE B 245 21.79 -1.37 21.36
N GLU B 246 21.83 -2.04 20.19
CA GLU B 246 21.29 -3.38 20.00
C GLU B 246 22.40 -4.32 19.54
N LYS B 247 22.19 -5.62 19.76
CA LYS B 247 23.13 -6.65 19.38
C LYS B 247 23.08 -6.73 17.85
N ASP B 248 24.25 -6.78 17.23
CA ASP B 248 24.32 -6.88 15.77
C ASP B 248 23.79 -8.28 15.35
N VAL B 249 23.40 -8.41 14.08
CA VAL B 249 22.88 -9.67 13.53
C VAL B 249 23.93 -10.77 13.62
N ASP B 250 23.48 -12.00 13.88
CA ASP B 250 24.34 -13.17 13.84
C ASP B 250 23.91 -13.85 12.55
N LEU B 251 24.76 -13.80 11.51
CA LEU B 251 24.39 -14.39 10.21
C LEU B 251 24.80 -15.85 10.03
N GLY B 252 25.18 -16.52 11.12
CA GLY B 252 25.47 -17.94 11.09
C GLY B 252 26.62 -18.40 10.21
N ALA B 253 26.54 -19.63 9.76
CA ALA B 253 27.59 -20.27 8.97
C ALA B 253 27.01 -21.39 8.14
N GLY B 254 27.71 -21.77 7.07
CA GLY B 254 27.33 -22.91 6.25
C GLY B 254 26.57 -22.63 4.96
N THR B 255 26.55 -23.64 4.08
CA THR B 255 25.83 -23.55 2.81
C THR B 255 24.35 -23.82 3.02
N ARG B 256 23.55 -23.48 1.99
CA ARG B 256 22.14 -23.78 1.87
C ARG B 256 21.92 -24.75 0.75
#